data_4YIV
#
_entry.id   4YIV
#
_cell.length_a   89.050
_cell.length_b   89.050
_cell.length_c   124.970
_cell.angle_alpha   90.000
_cell.angle_beta   90.000
_cell.angle_gamma   90.000
#
_symmetry.space_group_name_H-M   'P 41 21 2'
#
loop_
_entity.id
_entity.type
_entity.pdbx_description
1 polymer 'Apical membrane antigen AMA1'
2 non-polymer 2-acetamido-2-deoxy-beta-D-glucopyranose
3 non-polymer 'CADMIUM ION'
4 non-polymer 'CHLORIDE ION'
5 non-polymer 'COBALT (II) ION'
6 non-polymer GLYCEROL
7 water water
#
_entity_poly.entity_id   1
_entity_poly.type   'polypeptide(L)'
_entity_poly.pdbx_seq_one_letter_code
;GSAMGSASTSGNPFQANVEMKTFMERFNLTHHHQSGIYVDLGQDKEVDGTLYREPAGLCPIWGKHIELQQPDRPPYRNNF
LEDVPTEKEYKQSGNPLPGGFNLNFVTPSGQRISPFPMELLEKNSNIKASTDLGRCAEFAFKTVAMDKNNKATKYRYPFV
YDSKKRLCHILYVSMQLMEGKKYCSVKGEPPDLTWYCFKPRKSVTENHHLIYGSAYVGENPDAFISKCPNQALRGYRFGV
WKKGRCLDYTELTDTVIERVESKAQCWVKTFENDGVASDQPGSGSGSGDQPHSGGVGRNYGFYYVDTTGEGKCALSDQVP
DCLVSDSAAVSYTAAGSLSEETPNFIIPSNPSVTPPTPETALQCTADKFPDSFGACDVQACKRQKTSCVGGQIQSTSVDC
TADEQNECGSNTAAALVPR
;
_entity_poly.pdbx_strand_id   A
#
loop_
_chem_comp.id
_chem_comp.type
_chem_comp.name
_chem_comp.formula
CD non-polymer 'CADMIUM ION' 'Cd 2'
CL non-polymer 'CHLORIDE ION' 'Cl -1'
CO non-polymer 'COBALT (II) ION' 'Co 2'
GOL non-polymer GLYCEROL 'C3 H8 O3'
NAG D-saccharide, beta linking 2-acetamido-2-deoxy-beta-D-glucopyranose 'C8 H15 N O6'
#
# COMPACT_ATOMS: atom_id res chain seq x y z
N GLY A 11 -23.16 -17.48 -11.76
CA GLY A 11 -23.57 -16.60 -12.84
C GLY A 11 -22.65 -15.40 -12.99
N ASN A 12 -21.87 -15.15 -11.95
CA ASN A 12 -20.86 -14.10 -11.98
C ASN A 12 -19.69 -14.51 -12.86
N PRO A 13 -19.51 -13.82 -14.00
CA PRO A 13 -18.42 -14.24 -14.89
C PRO A 13 -17.03 -14.11 -14.24
N PHE A 14 -16.88 -13.16 -13.33
CA PHE A 14 -15.59 -12.91 -12.67
C PHE A 14 -15.25 -13.92 -11.60
N GLN A 15 -16.20 -14.82 -11.32
CA GLN A 15 -15.93 -15.96 -10.45
C GLN A 15 -16.08 -17.26 -11.25
N ALA A 16 -16.55 -17.12 -12.48
CA ALA A 16 -16.83 -18.27 -13.34
C ALA A 16 -15.59 -19.09 -13.61
N ASN A 17 -14.64 -18.52 -14.36
CA ASN A 17 -13.42 -19.21 -14.70
C ASN A 17 -12.25 -18.77 -13.84
N VAL A 18 -11.33 -19.71 -13.65
CA VAL A 18 -10.30 -19.58 -12.65
C VAL A 18 -9.40 -18.42 -13.05
N GLU A 19 -9.24 -18.21 -14.35
CA GLU A 19 -8.37 -17.12 -14.82
C GLU A 19 -8.93 -15.78 -14.31
N MET A 20 -10.24 -15.63 -14.42
CA MET A 20 -10.91 -14.46 -13.91
C MET A 20 -10.83 -14.37 -12.39
N LYS A 21 -11.14 -15.48 -11.69
CA LYS A 21 -11.07 -15.57 -10.23
C LYS A 21 -9.71 -15.16 -9.69
N THR A 22 -8.68 -15.77 -10.28
CA THR A 22 -7.31 -15.53 -9.87
C THR A 22 -6.99 -14.04 -9.98
N PHE A 23 -7.43 -13.43 -11.09
CA PHE A 23 -7.16 -12.02 -11.32
C PHE A 23 -7.85 -11.18 -10.26
N MET A 24 -9.11 -11.46 -9.99
CA MET A 24 -9.88 -10.69 -9.02
C MET A 24 -9.40 -10.85 -7.59
N GLU A 25 -8.77 -11.99 -7.29
CA GLU A 25 -8.19 -12.22 -5.97
C GLU A 25 -7.21 -11.10 -5.53
N ARG A 26 -6.49 -10.53 -6.48
CA ARG A 26 -5.47 -9.56 -6.13
C ARG A 26 -6.06 -8.32 -5.45
N PHE A 27 -7.38 -8.16 -5.54
CA PHE A 27 -8.00 -6.98 -4.96
C PHE A 27 -8.50 -7.19 -3.55
N ASN A 28 -8.38 -8.41 -3.06
CA ASN A 28 -8.85 -8.73 -1.71
C ASN A 28 -7.78 -8.49 -0.67
N LEU A 29 -7.72 -7.28 -0.18
CA LEU A 29 -6.70 -6.93 0.80
C LEU A 29 -6.92 -7.56 2.17
N THR A 30 -8.14 -8.02 2.44
CA THR A 30 -8.33 -8.75 3.69
C THR A 30 -7.64 -10.11 3.68
N HIS A 31 -7.72 -10.73 2.50
CA HIS A 31 -7.20 -12.06 2.21
C HIS A 31 -5.67 -12.14 2.22
N HIS A 32 -5.03 -11.29 1.45
CA HIS A 32 -3.60 -11.36 1.22
CA HIS A 32 -3.56 -11.46 1.38
C HIS A 32 -2.82 -10.37 2.11
N HIS A 33 -3.26 -9.12 2.11
CA HIS A 33 -2.48 -8.12 2.85
C HIS A 33 -2.60 -8.33 4.38
N GLN A 34 -3.84 -8.42 4.86
CA GLN A 34 -4.17 -8.93 6.20
C GLN A 34 -3.78 -8.02 7.37
N SER A 35 -3.57 -6.74 7.11
CA SER A 35 -3.15 -5.83 8.18
C SER A 35 -3.56 -4.41 7.81
N GLY A 36 -3.27 -3.45 8.69
CA GLY A 36 -3.51 -2.06 8.36
C GLY A 36 -2.71 -1.62 7.14
N ILE A 37 -3.23 -0.61 6.46
CA ILE A 37 -2.59 -0.07 5.25
C ILE A 37 -2.11 1.34 5.54
N TYR A 38 -3.02 2.17 6.05
CA TYR A 38 -2.65 3.53 6.37
C TYR A 38 -1.62 3.52 7.48
N VAL A 39 -1.99 2.92 8.60
CA VAL A 39 -1.03 2.52 9.61
C VAL A 39 -1.08 1.00 9.78
N ASP A 40 0.07 0.36 9.59
CA ASP A 40 0.21 -1.10 9.63
C ASP A 40 0.94 -1.45 10.90
N LEU A 41 0.20 -2.02 11.85
CA LEU A 41 0.76 -2.52 13.14
C LEU A 41 0.08 -3.82 13.54
N GLY A 42 0.11 -4.79 12.63
CA GLY A 42 -0.72 -5.99 12.77
C GLY A 42 -0.18 -7.03 13.73
N GLN A 43 1.09 -6.91 14.12
CA GLN A 43 1.74 -7.89 15.00
C GLN A 43 2.41 -7.25 16.21
N ASP A 44 2.96 -8.10 17.07
CA ASP A 44 3.68 -7.64 18.24
C ASP A 44 4.83 -8.58 18.48
N LYS A 45 6.00 -8.02 18.79
CA LYS A 45 7.18 -8.85 18.99
C LYS A 45 7.98 -8.27 20.14
N GLU A 46 8.65 -9.16 20.87
CA GLU A 46 9.42 -8.78 22.05
C GLU A 46 10.89 -8.43 21.78
N VAL A 47 11.29 -7.26 22.26
CA VAL A 47 12.69 -6.84 22.32
C VAL A 47 12.99 -6.33 23.71
N ASP A 48 14.07 -6.82 24.35
CA ASP A 48 14.44 -6.32 25.70
C ASP A 48 13.28 -6.46 26.67
N GLY A 49 12.51 -7.53 26.52
CA GLY A 49 11.44 -7.89 27.43
C GLY A 49 10.18 -7.09 27.20
N THR A 50 10.22 -6.23 26.19
CA THR A 50 9.13 -5.30 25.90
C THR A 50 8.46 -5.67 24.60
N LEU A 51 7.14 -5.65 24.62
CA LEU A 51 6.35 -6.03 23.48
C LEU A 51 6.07 -4.79 22.66
N TYR A 52 6.57 -4.81 21.42
CA TYR A 52 6.45 -3.68 20.48
C TYR A 52 5.51 -4.04 19.34
N ARG A 53 4.70 -3.07 18.94
CA ARG A 53 3.85 -3.26 17.81
C ARG A 53 4.71 -3.30 16.51
N GLU A 54 4.36 -4.22 15.63
CA GLU A 54 5.19 -4.57 14.47
C GLU A 54 4.34 -4.53 13.20
N PRO A 55 4.81 -3.79 12.19
CA PRO A 55 4.07 -3.90 10.92
C PRO A 55 4.13 -5.33 10.36
N ALA A 56 3.05 -5.74 9.71
CA ALA A 56 2.84 -7.16 9.38
C ALA A 56 2.24 -7.45 8.02
N GLY A 57 1.81 -6.41 7.34
CA GLY A 57 1.03 -6.57 6.12
C GLY A 57 1.87 -7.21 5.03
N LEU A 58 1.22 -8.00 4.16
CA LEU A 58 1.95 -8.76 3.16
C LEU A 58 2.05 -8.07 1.80
N CYS A 59 1.34 -6.97 1.59
CA CYS A 59 1.42 -6.26 0.31
C CYS A 59 2.24 -4.98 0.44
N PRO A 60 3.00 -4.65 -0.62
CA PRO A 60 3.70 -3.36 -0.68
C PRO A 60 2.71 -2.22 -0.86
N ILE A 61 2.99 -1.08 -0.26
CA ILE A 61 2.07 0.05 -0.33
C ILE A 61 2.73 1.16 -1.16
N TRP A 62 2.23 1.30 -2.38
CA TRP A 62 2.88 2.11 -3.40
C TRP A 62 2.66 3.60 -3.18
N GLY A 63 3.75 4.33 -3.05
CA GLY A 63 3.66 5.79 -2.96
C GLY A 63 3.52 6.25 -1.51
N LYS A 64 3.38 5.31 -0.58
CA LYS A 64 3.26 5.69 0.84
C LYS A 64 4.58 6.18 1.36
N HIS A 65 4.53 7.32 2.05
CA HIS A 65 5.68 7.87 2.74
C HIS A 65 5.18 8.51 4.03
N ILE A 66 6.08 8.77 4.95
CA ILE A 66 5.74 9.38 6.23
C ILE A 66 6.17 10.85 6.18
N GLU A 67 5.22 11.75 6.31
CA GLU A 67 5.48 13.17 6.28
C GLU A 67 5.78 13.67 7.68
N LEU A 68 6.88 14.39 7.87
CA LEU A 68 7.30 14.82 9.21
C LEU A 68 6.91 16.28 9.47
N GLN A 69 6.88 16.67 10.74
CA GLN A 69 6.54 18.06 11.09
C GLN A 69 7.64 18.68 11.99
N GLN A 70 8.89 18.54 11.56
CA GLN A 70 10.01 19.15 12.25
C GLN A 70 10.02 20.64 11.94
N PRO A 71 10.72 21.43 12.76
CA PRO A 71 10.94 22.85 12.45
C PRO A 71 11.51 23.02 11.06
N ASP A 72 11.09 24.07 10.35
CA ASP A 72 11.58 24.30 8.99
C ASP A 72 12.85 25.12 8.99
N ARG A 73 13.93 24.50 9.41
CA ARG A 73 15.21 25.17 9.53
C ARG A 73 16.28 24.14 9.87
N PRO A 74 17.56 24.46 9.60
CA PRO A 74 18.63 23.56 10.03
C PRO A 74 18.54 23.30 11.52
N PRO A 75 18.89 22.09 11.98
CA PRO A 75 19.42 20.97 11.20
C PRO A 75 18.34 20.04 10.63
N TYR A 76 17.11 20.51 10.53
CA TYR A 76 15.99 19.63 10.25
C TYR A 76 15.73 19.51 8.75
N ARG A 77 15.55 18.28 8.28
CA ARG A 77 15.35 18.00 6.86
C ARG A 77 13.93 17.59 6.47
N ASN A 78 13.08 17.31 7.46
CA ASN A 78 11.72 16.81 7.23
C ASN A 78 11.66 15.70 6.17
N ASN A 79 12.58 14.74 6.33
CA ASN A 79 12.66 13.59 5.46
C ASN A 79 12.85 12.28 6.23
N PHE A 80 11.87 11.40 6.13
CA PHE A 80 11.85 10.23 6.99
C PHE A 80 12.87 9.21 6.56
N LEU A 81 13.43 9.39 5.37
CA LEU A 81 14.49 8.49 4.91
C LEU A 81 15.89 8.89 5.44
N GLU A 82 16.00 10.04 6.08
CA GLU A 82 17.25 10.39 6.77
C GLU A 82 17.48 9.41 7.92
N ASP A 83 18.75 9.17 8.26
CA ASP A 83 19.14 8.41 9.44
C ASP A 83 18.45 8.86 10.74
N VAL A 84 18.10 7.90 11.60
CA VAL A 84 17.82 8.24 13.00
C VAL A 84 19.02 9.00 13.57
N PRO A 85 18.76 9.96 14.43
CA PRO A 85 19.84 10.83 14.94
C PRO A 85 20.69 10.14 15.95
N THR A 86 21.95 10.55 16.01
CA THR A 86 22.84 10.09 17.07
C THR A 86 22.58 10.94 18.30
N GLU A 87 23.08 10.51 19.45
CA GLU A 87 22.94 11.32 20.67
C GLU A 87 23.53 12.73 20.45
N LYS A 88 24.68 12.79 19.79
CA LYS A 88 25.35 14.06 19.60
C LYS A 88 24.57 14.99 18.68
N GLU A 89 23.94 14.45 17.64
CA GLU A 89 23.13 15.28 16.76
C GLU A 89 21.92 15.84 17.49
N TYR A 90 21.35 15.04 18.38
CA TYR A 90 20.17 15.45 19.15
C TYR A 90 20.57 16.54 20.16
N LYS A 91 21.71 16.35 20.80
CA LYS A 91 22.20 17.39 21.71
C LYS A 91 22.41 18.68 20.92
N GLN A 92 22.98 18.60 19.71
CA GLN A 92 23.17 19.80 18.89
C GLN A 92 21.88 20.47 18.42
N SER A 93 20.82 19.71 18.19
CA SER A 93 19.59 20.30 17.68
C SER A 93 18.68 20.80 18.79
N GLY A 94 18.73 20.15 19.94
CA GLY A 94 17.67 20.31 20.94
C GLY A 94 16.39 19.64 20.43
N ASN A 95 15.26 19.86 21.11
CA ASN A 95 14.00 19.22 20.73
C ASN A 95 13.36 19.88 19.50
N PRO A 96 12.67 19.11 18.65
CA PRO A 96 12.47 17.66 18.67
C PRO A 96 13.67 16.92 18.07
N LEU A 97 13.65 15.61 18.16
CA LEU A 97 14.65 14.76 17.51
C LEU A 97 14.80 15.21 16.07
N PRO A 98 16.06 15.38 15.62
CA PRO A 98 16.25 15.66 14.21
C PRO A 98 16.31 14.32 13.42
N GLY A 99 16.71 14.40 12.16
CA GLY A 99 16.94 13.20 11.36
C GLY A 99 15.63 12.57 10.89
N GLY A 100 15.69 11.27 10.60
CA GLY A 100 14.50 10.56 10.12
C GLY A 100 14.38 9.20 10.74
N PHE A 101 13.92 8.23 9.94
CA PHE A 101 13.50 6.93 10.45
C PHE A 101 14.48 5.83 10.07
N ASN A 102 15.38 6.13 9.15
CA ASN A 102 16.33 5.16 8.64
C ASN A 102 17.29 4.57 9.65
N LEU A 103 17.48 3.25 9.58
CA LEU A 103 18.37 2.58 10.49
C LEU A 103 19.78 3.06 10.18
N ASN A 104 20.47 3.54 11.22
CA ASN A 104 21.82 4.07 11.07
C ASN A 104 22.96 3.16 11.52
N PHE A 105 22.63 1.94 11.92
CA PHE A 105 23.63 0.99 12.36
C PHE A 105 24.61 0.57 11.27
N VAL A 106 25.79 0.16 11.72
CA VAL A 106 26.83 -0.38 10.83
C VAL A 106 27.20 -1.80 11.28
N THR A 107 27.76 -2.58 10.36
CA THR A 107 28.24 -3.94 10.66
C THR A 107 29.45 -3.86 11.60
N PRO A 108 29.87 -5.02 12.15
CA PRO A 108 31.11 -4.99 12.94
C PRO A 108 32.30 -4.45 12.12
N SER A 109 32.17 -4.50 10.80
CA SER A 109 33.17 -3.96 9.88
C SER A 109 33.19 -2.43 9.80
N GLY A 110 32.03 -1.81 10.03
CA GLY A 110 31.86 -0.38 9.82
C GLY A 110 31.07 -0.12 8.54
N GLN A 111 30.49 -1.18 7.98
CA GLN A 111 29.70 -1.16 6.75
C GLN A 111 28.23 -0.76 7.05
N ARG A 112 27.75 0.31 6.41
CA ARG A 112 26.36 0.77 6.58
C ARG A 112 25.34 -0.30 6.19
N ILE A 113 24.32 -0.51 7.03
CA ILE A 113 23.29 -1.49 6.74
C ILE A 113 22.16 -0.90 5.85
N SER A 114 21.87 0.42 5.98
CA SER A 114 20.74 1.03 5.26
C SER A 114 20.96 2.49 4.92
N PRO A 115 20.62 2.93 3.69
CA PRO A 115 19.98 2.13 2.63
C PRO A 115 20.98 1.18 1.99
N PHE A 116 20.47 0.09 1.45
CA PHE A 116 21.34 -0.95 0.93
C PHE A 116 21.14 -1.00 -0.57
N PRO A 117 22.24 -1.07 -1.35
CA PRO A 117 22.06 -0.98 -2.80
C PRO A 117 21.53 -2.27 -3.42
N MET A 118 20.55 -2.14 -4.29
CA MET A 118 19.92 -3.29 -4.93
C MET A 118 20.95 -4.14 -5.72
N GLU A 119 22.00 -3.50 -6.22
CA GLU A 119 22.99 -4.24 -7.00
C GLU A 119 23.61 -5.34 -6.19
N LEU A 120 23.87 -5.08 -4.91
CA LEU A 120 24.48 -6.10 -4.09
C LEU A 120 23.48 -7.21 -3.74
N LEU A 121 22.19 -6.88 -3.63
CA LEU A 121 21.19 -7.89 -3.30
C LEU A 121 20.97 -8.80 -4.50
N GLU A 122 20.96 -8.18 -5.68
CA GLU A 122 20.83 -8.93 -6.92
C GLU A 122 21.97 -10.00 -7.05
N LYS A 123 23.15 -9.67 -6.54
CA LYS A 123 24.34 -10.54 -6.68
C LYS A 123 24.51 -11.51 -5.51
N ASN A 124 23.56 -11.45 -4.56
CA ASN A 124 23.63 -12.29 -3.37
C ASN A 124 22.80 -13.52 -3.61
N SER A 125 23.46 -14.67 -3.71
CA SER A 125 22.81 -15.93 -4.02
C SER A 125 21.78 -16.34 -2.96
N ASN A 126 21.93 -15.82 -1.75
CA ASN A 126 21.00 -16.10 -0.66
C ASN A 126 19.65 -15.39 -0.80
N ILE A 127 19.60 -14.33 -1.62
CA ILE A 127 18.37 -13.61 -1.92
C ILE A 127 17.66 -14.24 -3.14
N LYS A 128 16.52 -14.86 -2.91
CA LYS A 128 15.89 -15.72 -3.89
C LYS A 128 14.80 -15.00 -4.70
N ALA A 129 14.36 -13.84 -4.25
CA ALA A 129 13.28 -13.13 -4.92
C ALA A 129 13.62 -12.84 -6.37
N SER A 130 12.59 -12.86 -7.20
CA SER A 130 12.74 -12.65 -8.64
C SER A 130 12.54 -11.21 -9.15
N THR A 131 12.21 -10.26 -8.26
CA THR A 131 12.01 -8.85 -8.65
C THR A 131 12.79 -7.97 -7.71
N ASP A 132 13.11 -6.75 -8.17
CA ASP A 132 13.95 -5.89 -7.33
C ASP A 132 13.15 -5.53 -6.09
N LEU A 133 11.86 -5.23 -6.27
CA LEU A 133 11.04 -4.88 -5.10
C LEU A 133 11.02 -6.05 -4.10
N GLY A 134 10.86 -7.26 -4.63
CA GLY A 134 10.92 -8.44 -3.81
C GLY A 134 12.25 -8.67 -3.10
N ARG A 135 13.36 -8.31 -3.76
CA ARG A 135 14.68 -8.47 -3.17
C ARG A 135 14.81 -7.54 -1.96
N CYS A 136 14.21 -6.37 -2.07
CA CYS A 136 14.27 -5.42 -0.94
C CYS A 136 13.44 -5.98 0.23
N ALA A 137 12.23 -6.39 -0.06
CA ALA A 137 11.37 -6.99 0.96
C ALA A 137 12.01 -8.22 1.63
N GLU A 138 12.70 -9.05 0.85
CA GLU A 138 13.37 -10.23 1.39
C GLU A 138 14.51 -9.82 2.30
N PHE A 139 15.23 -8.79 1.90
CA PHE A 139 16.30 -8.22 2.71
C PHE A 139 15.76 -7.76 4.07
N ALA A 140 14.60 -7.11 4.04
CA ALA A 140 13.95 -6.68 5.29
C ALA A 140 13.50 -7.91 6.10
N PHE A 141 12.97 -8.92 5.43
CA PHE A 141 12.51 -10.10 6.16
C PHE A 141 13.69 -10.82 6.84
N LYS A 142 14.88 -10.75 6.24
CA LYS A 142 16.06 -11.40 6.80
C LYS A 142 16.86 -10.51 7.74
N THR A 143 16.33 -9.34 8.06
CA THR A 143 16.94 -8.37 8.98
C THR A 143 16.07 -8.29 10.26
N VAL A 144 16.62 -8.65 11.41
CA VAL A 144 15.85 -8.58 12.65
C VAL A 144 16.51 -7.58 13.59
N ALA A 145 15.72 -7.00 14.48
CA ALA A 145 16.24 -6.16 15.54
C ALA A 145 17.14 -6.98 16.48
N MET A 146 18.25 -6.37 16.87
CA MET A 146 19.15 -6.91 17.88
C MET A 146 18.83 -6.21 19.19
N ASP A 147 18.82 -6.93 20.30
CA ASP A 147 18.45 -6.30 21.55
C ASP A 147 19.69 -5.69 22.24
N LYS A 148 19.50 -5.20 23.46
CA LYS A 148 20.57 -4.52 24.20
C LYS A 148 21.81 -5.40 24.44
N ASN A 149 21.61 -6.72 24.47
CA ASN A 149 22.70 -7.69 24.60
C ASN A 149 23.24 -8.17 23.25
N ASN A 150 22.99 -7.39 22.19
CA ASN A 150 23.31 -7.77 20.82
C ASN A 150 22.88 -9.20 20.48
N LYS A 151 21.69 -9.57 20.94
CA LYS A 151 21.12 -10.87 20.64
C LYS A 151 19.95 -10.67 19.67
N ALA A 152 19.69 -11.68 18.84
CA ALA A 152 18.71 -11.57 17.77
C ALA A 152 17.32 -11.66 18.35
N THR A 153 16.38 -10.94 17.76
CA THR A 153 14.98 -11.04 18.15
C THR A 153 14.15 -11.50 16.97
N LYS A 154 12.84 -11.59 17.17
CA LYS A 154 11.91 -11.85 16.08
C LYS A 154 11.20 -10.58 15.56
N TYR A 155 11.67 -9.40 15.98
CA TYR A 155 11.09 -8.12 15.52
C TYR A 155 11.73 -7.80 14.19
N ARG A 156 10.92 -7.55 13.17
CA ARG A 156 11.44 -7.15 11.87
C ARG A 156 10.96 -5.74 11.48
N TYR A 157 11.91 -4.89 11.10
CA TYR A 157 11.60 -3.52 10.71
C TYR A 157 10.93 -3.46 9.35
N PRO A 158 10.05 -2.46 9.15
CA PRO A 158 9.50 -2.22 7.82
C PRO A 158 10.55 -1.61 6.89
N PHE A 159 10.24 -1.58 5.60
CA PHE A 159 11.19 -1.09 4.62
C PHE A 159 10.55 -0.04 3.74
N VAL A 160 11.41 0.73 3.06
CA VAL A 160 10.97 1.54 1.93
C VAL A 160 11.92 1.23 0.77
N TYR A 161 11.32 0.84 -0.34
CA TYR A 161 12.10 0.69 -1.58
C TYR A 161 12.01 2.00 -2.37
N ASP A 162 13.19 2.55 -2.63
CA ASP A 162 13.33 3.73 -3.47
C ASP A 162 13.65 3.17 -4.84
N SER A 163 12.64 3.16 -5.71
CA SER A 163 12.76 2.45 -6.98
C SER A 163 13.51 3.29 -8.01
N LYS A 164 13.60 4.59 -7.75
CA LYS A 164 14.40 5.48 -8.59
C LYS A 164 15.91 5.29 -8.33
N LYS A 165 16.35 5.40 -7.08
CA LYS A 165 17.75 5.20 -6.74
C LYS A 165 18.15 3.75 -6.59
N ARG A 166 17.15 2.85 -6.62
CA ARG A 166 17.37 1.44 -6.35
C ARG A 166 18.10 1.20 -5.05
N LEU A 167 17.51 1.74 -3.98
CA LEU A 167 18.03 1.65 -2.61
C LEU A 167 16.94 1.06 -1.72
N CYS A 168 17.34 0.15 -0.85
CA CYS A 168 16.46 -0.51 0.10
C CYS A 168 16.70 0.07 1.50
N HIS A 169 15.73 0.83 1.99
CA HIS A 169 15.77 1.39 3.34
C HIS A 169 15.10 0.50 4.33
N ILE A 170 15.81 0.25 5.43
CA ILE A 170 15.27 -0.42 6.60
C ILE A 170 14.97 0.66 7.61
N LEU A 171 13.72 0.74 8.07
CA LEU A 171 13.32 1.80 8.99
C LEU A 171 13.36 1.34 10.43
N TYR A 172 14.34 1.84 11.16
CA TYR A 172 14.44 1.61 12.59
C TYR A 172 13.20 2.15 13.34
N VAL A 173 12.63 3.25 12.86
CA VAL A 173 11.38 3.77 13.41
C VAL A 173 10.23 3.15 12.64
N SER A 174 9.45 2.28 13.30
CA SER A 174 8.37 1.59 12.64
C SER A 174 7.06 2.30 12.92
N MET A 175 7.11 3.37 13.73
CA MET A 175 5.91 4.19 13.92
C MET A 175 5.53 4.84 12.62
N GLN A 176 4.24 5.08 12.45
CA GLN A 176 3.73 5.70 11.22
C GLN A 176 2.86 6.95 11.41
N LEU A 177 2.31 7.11 12.62
CA LEU A 177 1.43 8.23 12.93
C LEU A 177 1.63 8.65 14.38
N MET A 178 1.88 9.94 14.58
CA MET A 178 1.76 10.51 15.91
C MET A 178 1.20 11.93 15.79
N GLU A 179 0.25 12.24 16.67
CA GLU A 179 -0.42 13.54 16.65
C GLU A 179 -0.90 13.91 18.05
N GLY A 180 -1.15 15.20 18.26
CA GLY A 180 -1.70 15.71 19.52
C GLY A 180 -0.62 16.42 20.32
N LYS A 181 -0.95 17.60 20.83
CA LYS A 181 0.06 18.39 21.51
C LYS A 181 0.56 17.73 22.82
N LYS A 182 -0.19 16.75 23.34
CA LYS A 182 0.25 15.98 24.50
C LYS A 182 1.42 15.03 24.15
N TYR A 183 1.57 14.72 22.87
CA TYR A 183 2.43 13.60 22.42
C TYR A 183 3.57 14.02 21.52
N CYS A 184 3.37 15.09 20.76
CA CYS A 184 4.37 15.46 19.79
C CYS A 184 4.19 16.89 19.34
N SER A 185 5.25 17.43 18.72
CA SER A 185 5.29 18.82 18.31
C SER A 185 5.16 19.04 16.82
N VAL A 186 4.54 20.17 16.48
CA VAL A 186 4.47 20.62 15.09
C VAL A 186 5.28 21.87 14.90
N LYS A 187 6.25 21.79 13.99
CA LYS A 187 7.29 22.81 13.76
C LYS A 187 7.87 23.38 15.05
N GLY A 188 8.16 22.48 15.99
CA GLY A 188 8.86 22.83 17.22
C GLY A 188 8.00 23.23 18.40
N GLU A 189 6.67 23.28 18.22
CA GLU A 189 5.75 23.62 19.29
C GLU A 189 4.81 22.44 19.65
N PRO A 190 4.76 22.03 20.93
CA PRO A 190 5.50 22.45 22.15
C PRO A 190 7.00 22.08 22.12
N PRO A 191 7.88 22.95 22.66
CA PRO A 191 9.34 22.75 22.60
C PRO A 191 9.82 21.73 23.61
N ASP A 192 8.99 21.38 24.56
CA ASP A 192 9.37 20.38 25.57
C ASP A 192 9.37 18.94 25.08
N LEU A 193 8.75 18.68 23.95
CA LEU A 193 8.54 17.31 23.52
C LEU A 193 9.67 16.76 22.65
N THR A 194 9.99 15.49 22.88
CA THR A 194 11.06 14.83 22.16
C THR A 194 10.67 14.56 20.70
N TRP A 195 9.44 14.12 20.48
CA TRP A 195 9.00 13.76 19.13
C TRP A 195 8.27 14.89 18.41
N TYR A 196 8.61 15.01 17.15
CA TYR A 196 7.82 15.71 16.15
C TYR A 196 6.64 14.82 15.74
N CYS A 197 5.60 15.47 15.25
CA CYS A 197 4.43 14.79 14.76
C CYS A 197 4.73 14.30 13.34
N PHE A 198 4.01 13.28 12.92
CA PHE A 198 4.19 12.73 11.58
C PHE A 198 2.97 11.91 11.24
N LYS A 199 2.74 11.70 9.95
CA LYS A 199 1.61 10.90 9.51
C LYS A 199 1.90 10.35 8.11
N PRO A 200 1.21 9.26 7.74
CA PRO A 200 1.37 8.69 6.40
C PRO A 200 0.74 9.58 5.36
N ARG A 201 1.30 9.56 4.16
CA ARG A 201 0.76 10.32 3.09
C ARG A 201 1.05 9.72 1.73
N LYS A 202 0.16 10.00 0.79
CA LYS A 202 0.32 9.73 -0.61
C LYS A 202 0.08 11.10 -1.26
N SER A 203 0.86 11.44 -2.27
CA SER A 203 0.74 12.71 -2.96
C SER A 203 0.32 12.54 -4.40
N VAL A 204 -0.44 13.48 -4.93
CA VAL A 204 -0.84 13.39 -6.34
C VAL A 204 0.38 13.48 -7.27
N THR A 205 1.45 14.08 -6.82
CA THR A 205 2.63 14.23 -7.67
C THR A 205 3.91 13.66 -7.09
N GLU A 206 4.04 13.71 -5.77
CA GLU A 206 5.34 13.40 -5.14
C GLU A 206 5.50 11.94 -4.64
N ASN A 207 6.73 11.41 -4.73
CA ASN A 207 7.11 10.14 -4.06
C ASN A 207 6.39 8.90 -4.51
N HIS A 208 6.03 8.87 -5.80
CA HIS A 208 5.43 7.68 -6.40
C HIS A 208 6.45 6.58 -6.56
N HIS A 209 7.72 6.95 -6.47
CA HIS A 209 8.79 6.00 -6.61
C HIS A 209 9.14 5.32 -5.29
N LEU A 210 8.48 5.73 -4.20
CA LEU A 210 8.70 5.13 -2.88
C LEU A 210 7.63 4.09 -2.61
N ILE A 211 8.05 2.93 -2.12
CA ILE A 211 7.14 1.84 -1.86
C ILE A 211 7.38 1.40 -0.42
N TYR A 212 6.34 1.51 0.41
CA TYR A 212 6.43 1.17 1.84
C TYR A 212 5.95 -0.24 2.07
N GLY A 213 6.63 -1.00 2.92
CA GLY A 213 6.10 -2.31 3.28
C GLY A 213 6.56 -2.82 4.63
N SER A 214 5.80 -3.75 5.19
CA SER A 214 6.29 -4.49 6.33
C SER A 214 7.36 -5.48 5.84
N ALA A 215 8.21 -5.95 6.76
CA ALA A 215 9.19 -6.96 6.40
C ALA A 215 8.55 -8.23 5.91
N TYR A 216 7.28 -8.45 6.27
CA TYR A 216 6.66 -9.72 5.95
C TYR A 216 6.20 -9.83 4.48
N VAL A 217 6.27 -8.71 3.75
CA VAL A 217 6.19 -8.78 2.28
C VAL A 217 7.30 -9.74 1.77
N GLY A 218 8.38 -9.81 2.52
CA GLY A 218 9.55 -10.57 2.12
C GLY A 218 9.56 -12.03 2.51
N GLU A 219 8.56 -12.49 3.28
CA GLU A 219 8.53 -13.90 3.73
C GLU A 219 8.40 -14.86 2.53
N ASN A 220 7.53 -14.52 1.60
CA ASN A 220 7.34 -15.23 0.35
C ASN A 220 7.42 -14.10 -0.65
N PRO A 221 8.61 -13.67 -0.97
CA PRO A 221 8.81 -12.48 -1.81
C PRO A 221 8.17 -12.32 -3.16
N ASP A 222 7.81 -13.40 -3.77
CA ASP A 222 7.23 -13.29 -5.08
C ASP A 222 5.70 -13.29 -4.97
N ALA A 223 5.16 -13.45 -3.77
CA ALA A 223 3.71 -13.56 -3.66
C ALA A 223 2.94 -12.30 -4.05
N PHE A 224 3.50 -11.12 -3.74
CA PHE A 224 2.79 -9.86 -3.95
C PHE A 224 2.48 -9.64 -5.42
N ILE A 225 3.27 -10.26 -6.29
CA ILE A 225 3.13 -10.05 -7.73
C ILE A 225 1.72 -10.43 -8.21
N SER A 226 1.17 -11.50 -7.66
CA SER A 226 -0.17 -11.97 -8.04
C SER A 226 -1.25 -11.68 -6.99
N LYS A 227 -0.86 -11.42 -5.76
CA LYS A 227 -1.82 -11.40 -4.67
C LYS A 227 -2.22 -10.01 -4.23
N CYS A 228 -1.57 -8.99 -4.79
CA CYS A 228 -1.68 -7.59 -4.33
C CYS A 228 -2.08 -6.69 -5.51
N PRO A 229 -2.91 -5.65 -5.25
CA PRO A 229 -3.42 -4.82 -6.32
C PRO A 229 -2.42 -3.70 -6.61
N ASN A 230 -1.26 -4.09 -7.14
CA ASN A 230 -0.12 -3.19 -7.23
C ASN A 230 -0.35 -1.96 -8.08
N GLN A 231 -1.07 -2.14 -9.17
CA GLN A 231 -1.39 -1.06 -10.10
C GLN A 231 -2.88 -0.68 -10.15
N ALA A 232 -3.13 0.57 -10.49
CA ALA A 232 -4.47 1.06 -10.83
C ALA A 232 -5.06 0.22 -11.98
N LEU A 233 -6.38 0.14 -12.04
CA LEU A 233 -7.04 -0.65 -13.07
C LEU A 233 -7.87 0.29 -13.95
N ARG A 234 -7.40 0.47 -15.18
CA ARG A 234 -8.00 1.43 -16.09
C ARG A 234 -9.19 0.80 -16.79
N GLY A 235 -10.27 1.57 -16.95
CA GLY A 235 -11.39 1.17 -17.80
C GLY A 235 -12.45 0.28 -17.16
N TYR A 236 -12.41 0.18 -15.84
CA TYR A 236 -13.37 -0.65 -15.12
C TYR A 236 -13.68 0.00 -13.77
N ARG A 237 -14.93 -0.14 -13.33
CA ARG A 237 -15.37 0.18 -11.96
C ARG A 237 -15.45 -1.06 -11.12
N PHE A 238 -14.89 -0.99 -9.91
CA PHE A 238 -15.05 -2.06 -8.96
C PHE A 238 -16.54 -2.24 -8.68
N GLY A 239 -16.94 -3.48 -8.42
CA GLY A 239 -18.31 -3.77 -8.09
C GLY A 239 -18.49 -5.04 -7.29
N VAL A 240 -19.73 -5.29 -6.89
CA VAL A 240 -20.09 -6.48 -6.12
C VAL A 240 -21.25 -7.22 -6.80
N TRP A 241 -21.15 -8.54 -6.84
CA TRP A 241 -22.18 -9.34 -7.51
C TRP A 241 -23.39 -9.48 -6.61
N LYS A 242 -24.52 -8.90 -7.06
CA LYS A 242 -25.76 -8.94 -6.30
C LYS A 242 -26.97 -9.03 -7.24
N LYS A 243 -27.94 -9.88 -6.86
CA LYS A 243 -29.16 -10.06 -7.65
C LYS A 243 -28.82 -10.36 -9.11
N GLY A 244 -27.95 -11.35 -9.31
CA GLY A 244 -27.56 -11.78 -10.63
C GLY A 244 -26.94 -10.73 -11.54
N ARG A 245 -26.38 -9.65 -10.99
CA ARG A 245 -25.62 -8.73 -11.83
C ARG A 245 -24.52 -8.02 -11.05
N CYS A 246 -23.70 -7.25 -11.77
CA CYS A 246 -22.57 -6.57 -11.12
C CYS A 246 -22.98 -5.16 -10.79
N LEU A 247 -23.04 -4.86 -9.50
CA LEU A 247 -23.35 -3.49 -9.06
C LEU A 247 -22.05 -2.75 -8.74
N ASP A 248 -21.75 -1.72 -9.50
CA ASP A 248 -20.57 -0.95 -9.15
C ASP A 248 -20.92 -0.16 -7.90
N TYR A 249 -19.91 0.42 -7.26
CA TYR A 249 -20.10 0.99 -5.94
C TYR A 249 -21.15 2.11 -5.90
N THR A 250 -21.37 2.82 -7.00
CA THR A 250 -22.30 3.95 -6.94
C THR A 250 -23.72 3.48 -6.66
N GLU A 251 -23.97 2.19 -6.77
CA GLU A 251 -25.29 1.62 -6.55
C GLU A 251 -25.51 1.12 -5.13
N LEU A 252 -24.44 1.14 -4.32
CA LEU A 252 -24.53 0.60 -2.97
C LEU A 252 -24.79 1.74 -2.00
N THR A 253 -25.54 1.46 -0.94
CA THR A 253 -25.96 2.52 -0.02
C THR A 253 -24.84 3.06 0.85
N ASP A 254 -23.89 2.22 1.24
CA ASP A 254 -22.82 2.67 2.12
C ASP A 254 -21.60 3.20 1.35
N THR A 255 -21.74 3.40 0.04
CA THR A 255 -20.67 4.05 -0.70
C THR A 255 -20.58 5.55 -0.45
N VAL A 256 -19.37 6.03 -0.23
CA VAL A 256 -19.11 7.42 -0.14
C VAL A 256 -18.79 7.91 -1.55
N ILE A 257 -19.50 8.93 -2.01
CA ILE A 257 -19.21 9.57 -3.30
C ILE A 257 -18.81 11.01 -3.10
N GLU A 258 -17.65 11.42 -3.59
CA GLU A 258 -17.19 12.79 -3.46
C GLU A 258 -16.66 13.37 -4.76
N ARG A 259 -16.86 14.67 -4.95
CA ARG A 259 -16.30 15.36 -6.10
C ARG A 259 -14.78 15.41 -6.03
N VAL A 260 -14.10 15.20 -7.15
CA VAL A 260 -12.67 15.42 -7.22
C VAL A 260 -12.33 16.19 -8.47
N GLU A 261 -11.21 16.91 -8.44
CA GLU A 261 -10.75 17.64 -9.60
C GLU A 261 -9.94 16.77 -10.57
N SER A 262 -9.39 15.65 -10.07
CA SER A 262 -8.52 14.77 -10.89
C SER A 262 -8.64 13.34 -10.44
N LYS A 263 -8.28 12.41 -11.30
CA LYS A 263 -8.30 11.02 -10.88
C LYS A 263 -7.24 10.77 -9.80
N ALA A 264 -6.17 11.55 -9.78
CA ALA A 264 -5.12 11.31 -8.78
C ALA A 264 -5.64 11.64 -7.37
N GLN A 265 -6.56 12.60 -7.26
CA GLN A 265 -7.17 12.93 -5.96
C GLN A 265 -7.97 11.76 -5.45
N CYS A 266 -8.60 11.05 -6.34
CA CYS A 266 -9.35 9.88 -5.96
C CYS A 266 -8.41 8.79 -5.44
N TRP A 267 -7.32 8.57 -6.15
CA TRP A 267 -6.33 7.57 -5.77
C TRP A 267 -5.82 7.89 -4.37
N VAL A 268 -5.54 9.17 -4.12
CA VAL A 268 -5.07 9.58 -2.79
C VAL A 268 -6.15 9.30 -1.74
N LYS A 269 -7.41 9.56 -2.08
CA LYS A 269 -8.51 9.35 -1.15
C LYS A 269 -8.66 7.89 -0.73
N THR A 270 -8.33 6.94 -1.61
CA THR A 270 -8.52 5.55 -1.20
C THR A 270 -7.53 5.19 -0.08
N PHE A 271 -6.41 5.92 0.00
CA PHE A 271 -5.43 5.75 1.07
C PHE A 271 -5.68 6.63 2.29
N GLU A 272 -6.14 7.85 2.07
CA GLU A 272 -6.17 8.83 3.15
C GLU A 272 -7.55 9.04 3.79
N ASN A 273 -8.60 8.42 3.26
CA ASN A 273 -9.93 8.64 3.83
C ASN A 273 -10.00 7.98 5.22
N ASP A 274 -10.88 8.47 6.08
CA ASP A 274 -10.84 8.04 7.49
C ASP A 274 -11.26 6.60 7.75
N GLY A 275 -11.72 5.93 6.71
CA GLY A 275 -12.22 4.58 6.81
C GLY A 275 -11.23 3.49 6.32
N VAL A 276 -10.10 3.91 5.78
CA VAL A 276 -9.06 2.97 5.29
C VAL A 276 -8.58 2.06 6.43
N ALA A 277 -8.26 0.81 6.11
CA ALA A 277 -7.71 -0.11 7.11
C ALA A 277 -6.53 0.52 7.82
N SER A 278 -6.63 0.60 9.14
CA SER A 278 -5.59 1.21 9.92
C SER A 278 -5.57 0.65 11.33
N ASP A 279 -4.38 0.49 11.85
CA ASP A 279 -4.18 -0.23 13.12
C ASP A 279 -3.82 0.75 14.26
N GLN A 280 -4.01 2.04 14.04
CA GLN A 280 -3.51 3.07 14.97
C GLN A 280 -4.59 3.40 16.03
N PRO A 281 -4.17 3.64 17.30
CA PRO A 281 -5.14 3.87 18.39
C PRO A 281 -6.23 4.95 18.12
N GLY A 282 -5.94 6.22 17.79
CA GLY A 282 -4.61 6.79 17.77
C GLY A 282 -4.38 7.66 18.99
N GLN A 290 -11.29 -3.89 16.46
CA GLN A 290 -9.95 -4.20 16.97
C GLN A 290 -9.01 -3.06 16.65
N PRO A 291 -7.89 -2.96 17.41
CA PRO A 291 -6.83 -2.08 16.89
C PRO A 291 -6.01 -2.83 15.86
N HIS A 292 -6.48 -4.02 15.47
CA HIS A 292 -5.94 -4.82 14.38
C HIS A 292 -7.00 -4.90 13.29
N SER A 293 -6.87 -4.06 12.26
CA SER A 293 -7.87 -3.98 11.17
C SER A 293 -7.99 -5.28 10.41
N GLY A 294 -6.93 -6.07 10.42
CA GLY A 294 -6.82 -7.22 9.54
C GLY A 294 -6.95 -6.91 8.05
N GLY A 295 -6.83 -5.64 7.67
CA GLY A 295 -6.96 -5.27 6.26
C GLY A 295 -8.36 -4.85 5.86
N VAL A 296 -9.29 -4.92 6.82
CA VAL A 296 -10.67 -4.50 6.59
C VAL A 296 -10.79 -2.99 6.62
N GLY A 297 -11.52 -2.41 5.68
CA GLY A 297 -11.61 -0.97 5.61
C GLY A 297 -12.04 -0.44 4.28
N ARG A 298 -12.28 0.86 4.19
CA ARG A 298 -12.74 1.51 2.98
C ARG A 298 -11.50 1.76 2.15
N ASN A 299 -11.01 0.67 1.59
CA ASN A 299 -9.75 0.60 0.85
C ASN A 299 -9.85 0.75 -0.66
N TYR A 300 -11.08 0.82 -1.17
CA TYR A 300 -11.36 0.59 -2.58
C TYR A 300 -12.09 1.77 -3.16
N GLY A 301 -11.74 2.14 -4.38
CA GLY A 301 -12.47 3.22 -4.99
C GLY A 301 -12.28 3.33 -6.47
N PHE A 302 -13.09 4.19 -7.08
CA PHE A 302 -12.83 4.59 -8.46
C PHE A 302 -13.23 5.99 -8.81
N TYR A 303 -12.45 6.52 -9.73
CA TYR A 303 -12.76 7.74 -10.39
C TYR A 303 -13.73 7.45 -11.52
N TYR A 304 -14.71 8.33 -11.71
CA TYR A 304 -15.63 8.24 -12.83
C TYR A 304 -16.17 9.63 -13.10
N VAL A 305 -16.92 9.77 -14.18
CA VAL A 305 -17.46 11.05 -14.59
C VAL A 305 -18.98 10.93 -14.53
N ASP A 306 -19.58 11.82 -13.74
CA ASP A 306 -21.01 11.80 -13.52
C ASP A 306 -21.71 12.28 -14.80
N THR A 307 -22.99 11.97 -14.93
CA THR A 307 -23.77 12.32 -16.12
C THR A 307 -23.66 13.82 -16.42
N THR A 308 -23.44 14.62 -15.38
CA THR A 308 -23.32 16.07 -15.50
C THR A 308 -21.91 16.49 -15.88
N GLY A 309 -21.02 15.53 -16.08
CA GLY A 309 -19.64 15.83 -16.46
C GLY A 309 -18.67 16.12 -15.32
N GLU A 310 -19.13 16.07 -14.07
CA GLU A 310 -18.25 16.30 -12.92
C GLU A 310 -17.43 15.03 -12.59
N GLY A 311 -16.14 15.20 -12.32
CA GLY A 311 -15.34 14.06 -11.87
C GLY A 311 -15.77 13.70 -10.45
N LYS A 312 -15.93 12.41 -10.18
CA LYS A 312 -16.31 11.95 -8.84
C LYS A 312 -15.48 10.74 -8.40
N CYS A 313 -15.47 10.51 -7.11
CA CYS A 313 -14.74 9.41 -6.55
C CYS A 313 -15.64 8.60 -5.67
N ALA A 314 -15.82 7.34 -6.01
CA ALA A 314 -16.65 6.44 -5.22
C ALA A 314 -15.79 5.53 -4.39
N LEU A 315 -16.04 5.55 -3.07
CA LEU A 315 -15.26 4.78 -2.10
C LEU A 315 -16.08 3.79 -1.29
N SER A 316 -15.55 2.59 -1.13
CA SER A 316 -16.27 1.50 -0.46
C SER A 316 -15.31 0.61 0.32
N ASP A 317 -15.81 -0.09 1.35
CA ASP A 317 -15.05 -1.12 2.05
C ASP A 317 -15.43 -2.51 1.57
N GLN A 318 -16.26 -2.59 0.53
CA GLN A 318 -16.62 -3.88 -0.06
C GLN A 318 -15.56 -4.41 -1.03
N VAL A 319 -14.95 -5.53 -0.68
CA VAL A 319 -13.98 -6.16 -1.55
C VAL A 319 -14.65 -6.44 -2.89
N PRO A 320 -14.06 -5.98 -3.99
CA PRO A 320 -14.74 -6.25 -5.27
C PRO A 320 -14.72 -7.73 -5.67
N ASP A 321 -15.82 -8.19 -6.27
CA ASP A 321 -15.86 -9.55 -6.80
C ASP A 321 -16.38 -9.55 -8.22
N CYS A 322 -16.57 -8.36 -8.78
CA CYS A 322 -16.81 -8.21 -10.21
C CYS A 322 -16.41 -6.80 -10.64
N LEU A 323 -16.52 -6.56 -11.94
CA LEU A 323 -16.16 -5.28 -12.54
C LEU A 323 -17.23 -4.84 -13.50
N VAL A 324 -17.35 -3.55 -13.63
CA VAL A 324 -18.25 -2.94 -14.58
C VAL A 324 -17.40 -2.13 -15.53
N SER A 325 -17.57 -2.38 -16.84
CA SER A 325 -16.82 -1.62 -17.86
C SER A 325 -17.19 -0.16 -17.88
N ASP A 326 -16.19 0.69 -18.03
CA ASP A 326 -16.40 2.12 -18.13
C ASP A 326 -15.09 2.74 -18.58
N SER A 327 -15.03 3.15 -19.83
CA SER A 327 -13.76 3.56 -20.41
C SER A 327 -13.17 4.80 -19.73
N ALA A 328 -14.02 5.57 -19.06
CA ALA A 328 -13.61 6.81 -18.42
C ALA A 328 -13.20 6.61 -16.96
N ALA A 329 -13.39 5.40 -16.43
CA ALA A 329 -13.16 5.12 -15.01
C ALA A 329 -11.75 4.57 -14.77
N VAL A 330 -11.25 4.75 -13.55
CA VAL A 330 -10.06 4.04 -13.08
C VAL A 330 -10.33 3.61 -11.63
N SER A 331 -10.10 2.32 -11.35
CA SER A 331 -10.23 1.76 -10.01
C SER A 331 -8.90 1.67 -9.28
N TYR A 332 -8.91 2.19 -8.06
CA TYR A 332 -7.74 2.35 -7.18
C TYR A 332 -7.94 1.61 -5.89
N THR A 333 -6.84 1.27 -5.23
CA THR A 333 -6.91 0.83 -3.85
C THR A 333 -5.89 1.57 -3.03
N ALA A 334 -6.09 1.52 -1.72
CA ALA A 334 -5.17 2.09 -0.79
C ALA A 334 -3.74 1.56 -0.94
N ALA A 335 -3.63 0.32 -1.44
CA ALA A 335 -2.31 -0.32 -1.53
C ALA A 335 -1.56 0.01 -2.83
N GLY A 336 -2.30 0.25 -3.90
CA GLY A 336 -1.69 0.35 -5.21
C GLY A 336 -1.19 1.71 -5.66
N SER A 337 -0.69 1.74 -6.89
CA SER A 337 -0.03 2.91 -7.47
C SER A 337 -1.05 3.72 -8.26
N LEU A 338 -0.71 4.97 -8.55
CA LEU A 338 -1.54 5.81 -9.40
C LEU A 338 -1.53 5.27 -10.82
N SER A 339 -0.34 4.89 -11.29
CA SER A 339 -0.20 4.38 -12.64
C SER A 339 -0.86 3.02 -12.81
N GLU A 340 -1.49 2.81 -13.95
CA GLU A 340 -1.98 1.49 -14.35
C GLU A 340 -0.87 0.64 -15.00
N GLU A 341 0.29 1.23 -15.24
CA GLU A 341 1.35 0.55 -15.98
C GLU A 341 2.25 -0.26 -15.06
N THR A 342 2.53 -1.49 -15.44
CA THR A 342 3.48 -2.31 -14.70
C THR A 342 4.91 -1.81 -14.84
N PRO A 343 5.57 -1.47 -13.73
CA PRO A 343 6.97 -1.06 -13.84
C PRO A 343 7.92 -2.24 -13.92
N ASN A 344 9.13 -2.02 -14.42
CA ASN A 344 9.98 -3.13 -14.74
C ASN A 344 10.53 -3.77 -13.47
N PHE A 345 10.52 -3.04 -12.36
CA PHE A 345 11.14 -3.59 -11.15
C PHE A 345 10.23 -4.55 -10.37
N ILE A 346 9.05 -4.86 -10.91
CA ILE A 346 8.26 -6.00 -10.43
C ILE A 346 7.99 -7.04 -11.54
N ILE A 347 8.76 -7.01 -12.61
CA ILE A 347 8.67 -8.10 -13.61
C ILE A 347 9.69 -9.18 -13.29
N PRO A 348 9.25 -10.44 -13.11
CA PRO A 348 10.22 -11.42 -12.62
C PRO A 348 11.36 -11.67 -13.63
N SER A 349 12.56 -11.90 -13.12
CA SER A 349 13.73 -12.25 -13.93
C SER A 349 13.87 -13.75 -14.23
N ASN A 350 12.83 -14.51 -13.99
CA ASN A 350 12.82 -15.88 -14.46
C ASN A 350 11.44 -16.18 -14.99
N PRO A 351 11.32 -17.22 -15.84
CA PRO A 351 10.02 -17.44 -16.45
C PRO A 351 9.06 -18.29 -15.57
N SER A 352 9.45 -18.71 -14.37
CA SER A 352 8.54 -19.53 -13.55
C SER A 352 7.45 -18.73 -12.85
N VAL A 353 7.78 -17.50 -12.45
CA VAL A 353 6.86 -16.73 -11.67
C VAL A 353 5.92 -16.02 -12.59
N THR A 354 4.62 -16.25 -12.38
CA THR A 354 3.61 -15.60 -13.21
C THR A 354 3.74 -14.06 -13.11
N PRO A 355 3.98 -13.39 -14.23
CA PRO A 355 4.09 -11.93 -14.18
C PRO A 355 2.78 -11.19 -13.88
N PRO A 356 2.87 -9.93 -13.47
CA PRO A 356 1.76 -9.16 -12.88
C PRO A 356 0.64 -8.65 -13.83
N THR A 357 0.87 -8.70 -15.13
CA THR A 357 0.02 -7.96 -16.08
C THR A 357 -1.40 -8.52 -16.25
N THR A 360 -4.28 -9.79 -20.14
CA THR A 360 -4.52 -11.18 -20.50
C THR A 360 -5.66 -11.80 -19.70
N ALA A 361 -5.90 -11.28 -18.50
CA ALA A 361 -6.96 -11.81 -17.66
C ALA A 361 -8.31 -11.33 -18.13
N LEU A 362 -8.35 -10.16 -18.76
CA LEU A 362 -9.60 -9.56 -19.18
C LEU A 362 -9.73 -9.48 -20.70
N GLN A 363 -9.02 -10.35 -21.42
CA GLN A 363 -9.12 -10.40 -22.87
C GLN A 363 -10.06 -11.51 -23.32
N CYS A 364 -10.41 -11.52 -24.59
CA CYS A 364 -11.35 -12.51 -25.12
C CYS A 364 -11.38 -12.46 -26.65
N PRO A 370 -19.36 -14.99 -26.04
CA PRO A 370 -20.74 -14.76 -26.49
C PRO A 370 -21.52 -13.71 -25.68
N ASP A 371 -22.27 -12.84 -26.34
CA ASP A 371 -23.14 -11.89 -25.64
C ASP A 371 -24.09 -12.63 -24.69
N SER A 372 -23.83 -12.53 -23.39
CA SER A 372 -24.62 -13.22 -22.35
C SER A 372 -25.47 -12.24 -21.56
N PHE A 373 -26.79 -12.48 -21.53
CA PHE A 373 -27.69 -11.68 -20.69
C PHE A 373 -28.15 -12.51 -19.51
N GLY A 374 -28.48 -11.84 -18.41
CA GLY A 374 -28.87 -12.49 -17.18
C GLY A 374 -30.27 -12.08 -16.75
N ALA A 375 -30.80 -12.79 -15.75
CA ALA A 375 -32.18 -12.58 -15.29
C ALA A 375 -32.40 -11.13 -14.88
N CYS A 376 -33.62 -10.64 -15.09
CA CYS A 376 -33.88 -9.24 -14.85
C CYS A 376 -33.90 -8.97 -13.35
N ASP A 377 -33.19 -7.92 -12.96
CA ASP A 377 -33.26 -7.42 -11.60
C ASP A 377 -34.49 -6.51 -11.51
N VAL A 378 -35.57 -7.06 -10.99
CA VAL A 378 -36.83 -6.31 -10.90
C VAL A 378 -36.71 -5.11 -9.96
N GLN A 379 -35.97 -5.27 -8.87
CA GLN A 379 -35.77 -4.21 -7.89
C GLN A 379 -35.20 -2.94 -8.53
N ALA A 380 -34.30 -3.10 -9.50
CA ALA A 380 -33.66 -1.96 -10.17
C ALA A 380 -34.10 -1.87 -11.63
N CYS A 381 -34.69 -2.95 -12.13
CA CYS A 381 -35.14 -3.02 -13.50
C CYS A 381 -33.95 -2.80 -14.45
N LYS A 382 -32.98 -3.69 -14.33
CA LYS A 382 -31.84 -3.75 -15.24
C LYS A 382 -31.38 -5.22 -15.30
N ARG A 383 -30.55 -5.54 -16.28
CA ARG A 383 -30.03 -6.91 -16.42
C ARG A 383 -28.55 -6.90 -16.80
N GLN A 384 -27.83 -7.91 -16.34
CA GLN A 384 -26.42 -8.04 -16.69
C GLN A 384 -26.25 -8.29 -18.17
N LYS A 385 -25.18 -7.70 -18.72
CA LYS A 385 -24.77 -7.96 -20.09
C LYS A 385 -23.25 -8.18 -20.09
N THR A 386 -22.86 -9.42 -20.31
CA THR A 386 -21.45 -9.80 -20.33
C THR A 386 -21.04 -10.24 -21.73
N SER A 387 -20.25 -9.39 -22.39
CA SER A 387 -19.83 -9.66 -23.77
C SER A 387 -18.33 -9.46 -23.99
N CYS A 388 -17.93 -9.42 -25.24
CA CYS A 388 -16.55 -9.14 -25.62
C CYS A 388 -16.52 -8.03 -26.65
N VAL A 389 -15.65 -7.05 -26.45
CA VAL A 389 -15.55 -5.89 -27.33
C VAL A 389 -14.12 -5.37 -27.32
N GLY A 390 -13.60 -5.07 -28.51
CA GLY A 390 -12.22 -4.62 -28.65
C GLY A 390 -11.27 -5.60 -28.02
N GLY A 391 -11.62 -6.89 -28.09
CA GLY A 391 -10.81 -7.96 -27.54
C GLY A 391 -10.74 -7.89 -26.04
N GLN A 392 -11.76 -7.30 -25.42
CA GLN A 392 -11.75 -7.03 -24.00
C GLN A 392 -13.14 -7.24 -23.41
N ILE A 393 -13.22 -7.92 -22.27
CA ILE A 393 -14.51 -8.17 -21.63
C ILE A 393 -15.27 -6.90 -21.28
N GLN A 394 -16.52 -6.87 -21.75
CA GLN A 394 -17.49 -5.89 -21.32
C GLN A 394 -18.35 -6.51 -20.23
N SER A 395 -18.84 -5.66 -19.35
CA SER A 395 -19.71 -6.03 -18.25
C SER A 395 -20.47 -4.79 -17.85
N THR A 396 -21.77 -4.77 -18.10
CA THR A 396 -22.60 -3.61 -17.84
C THR A 396 -24.02 -4.03 -17.52
N SER A 397 -24.85 -3.04 -17.24
CA SER A 397 -26.27 -3.24 -16.98
C SER A 397 -27.11 -2.53 -18.03
N VAL A 398 -28.09 -3.26 -18.58
CA VAL A 398 -28.95 -2.76 -19.64
C VAL A 398 -30.44 -2.94 -19.30
C1 NAG B . -11.97 -11.76 0.78
C2 NAG B . -13.29 -12.49 0.55
C3 NAG B . -13.96 -12.86 1.87
C4 NAG B . -12.97 -13.61 2.75
C5 NAG B . -11.70 -12.79 2.93
C6 NAG B . -10.69 -13.53 3.79
C7 NAG B . -14.09 -11.60 -1.56
C8 NAG B . -14.98 -10.59 -2.23
N2 NAG B . -14.18 -11.66 -0.24
O3 NAG B . -15.09 -13.69 1.62
O4 NAG B . -13.56 -13.86 4.03
O5 NAG B . -11.12 -12.51 1.65
O6 NAG B . -10.22 -14.70 3.10
O7 NAG B . -13.32 -12.31 -2.19
CD CD C . 8.07 24.03 29.17
CD CD D . 22.99 -5.31 -12.10
CL CL E . 6.68 25.47 27.57
CL CL F . 6.75 23.71 31.26
CO CO G . -1.08 -5.79 18.70
CO CO H . 3.87 9.40 -11.15
CO CO I . -5.98 -16.30 -1.80
C1 GOL J . 22.51 11.01 11.19
O1 GOL J . 22.43 10.10 12.28
C2 GOL J . 23.68 10.55 10.33
O2 GOL J . 23.84 9.19 10.59
C3 GOL J . 23.48 10.76 8.84
O3 GOL J . 24.63 10.25 8.18
C1 GOL K . 11.72 -1.23 18.55
O1 GOL K . 12.49 -2.29 18.02
C2 GOL K . 10.70 -0.77 17.53
O2 GOL K . 9.94 0.27 18.13
C3 GOL K . 11.48 -0.24 16.35
O3 GOL K . 10.67 -0.15 15.20
#